data_7M5F
#
_entry.id   7M5F
#
_cell.length_a   60.691
_cell.length_b   97.241
_cell.length_c   44.495
_cell.angle_alpha   90.000
_cell.angle_beta   90.000
_cell.angle_gamma   90.000
#
_symmetry.space_group_name_H-M   'P 21 21 2'
#
loop_
_entity.id
_entity.type
_entity.pdbx_description
1 polymer CdiI
2 polymer 'Toxin CdiA'
3 non-polymer 'MALONATE ION'
4 water water
#
loop_
_entity_poly.entity_id
_entity_poly.type
_entity_poly.pdbx_seq_one_letter_code
_entity_poly.pdbx_strand_id
1 'polypeptide(L)'
;(MSE)KEIKL(MSE)ADYHCYPLWGTTPDDFGDISPDELPISLGLKNSLEAWAKRYDAILNTDDPALSGFKSVEEEKLFI
DDGYKLAELLQEELGSAYKVIYHADY
;
A
2 'polypeptide(L)'
;(MSE)HHHHHHENLYFQSNAAKNSLTTKSLFKE(MSE)TIQGIKFTPENVVGAAKDNSGKIIFLEKGNSKSGLQHIVEEH
GDQFAQIGVSEARIPDVV(MSE)KAVTDGKIVGYQGAGAGRPIYET(MSE)IDGKKYNIAVTVGSNGYVVGANLRGSVK
;
C
#
# COMPACT_ATOMS: atom_id res chain seq x y z
N LYS A 2 16.48 -12.23 9.86
CA LYS A 2 15.72 -11.34 9.00
C LYS A 2 14.29 -11.25 9.52
N GLU A 3 13.80 -10.03 9.64
CA GLU A 3 12.42 -9.81 9.99
C GLU A 3 11.58 -9.79 8.73
N ILE A 4 10.41 -10.44 8.78
CA ILE A 4 9.46 -10.48 7.70
C ILE A 4 8.11 -10.05 8.27
N LYS A 5 7.50 -9.02 7.69
CA LYS A 5 6.17 -8.59 8.12
C LYS A 5 5.12 -9.14 7.16
N LEU A 6 4.13 -9.88 7.70
CA LEU A 6 2.96 -10.32 6.95
C LEU A 6 1.89 -9.25 7.06
N ALA A 8 -1.23 -7.43 4.29
CA ALA A 8 -1.79 -7.23 2.96
C ALA A 8 -1.86 -5.74 2.64
N ASP A 9 -1.51 -5.40 1.40
CA ASP A 9 -1.66 -4.06 0.84
C ASP A 9 -2.01 -4.22 -0.63
N TYR A 10 -2.79 -3.29 -1.14
CA TYR A 10 -3.34 -3.41 -2.48
C TYR A 10 -2.25 -3.48 -3.54
N HIS A 11 -2.34 -4.50 -4.40
CA HIS A 11 -1.46 -4.66 -5.56
C HIS A 11 0.00 -4.86 -5.16
N CYS A 12 0.19 -5.46 -4.00
CA CYS A 12 1.49 -5.82 -3.46
C CYS A 12 1.49 -7.26 -3.01
N TYR A 13 2.67 -7.86 -2.96
CA TYR A 13 2.80 -9.09 -2.21
C TYR A 13 2.54 -8.83 -0.72
N PRO A 14 2.15 -9.85 0.03
CA PRO A 14 1.74 -9.62 1.41
C PRO A 14 2.88 -9.78 2.43
N LEU A 15 4.11 -9.70 1.97
CA LEU A 15 5.30 -9.86 2.80
C LEU A 15 6.19 -8.64 2.62
N TRP A 16 6.81 -8.18 3.72
CA TRP A 16 7.54 -6.90 3.70
C TRP A 16 8.84 -6.98 4.48
N GLY A 17 9.88 -6.33 3.95
CA GLY A 17 11.08 -6.10 4.71
C GLY A 17 10.91 -4.95 5.68
N THR A 18 11.69 -4.94 6.75
CA THR A 18 11.46 -3.96 7.81
C THR A 18 12.66 -3.09 8.11
N THR A 19 13.73 -3.14 7.31
CA THR A 19 14.87 -2.26 7.45
C THR A 19 15.05 -1.45 6.19
N PRO A 20 15.68 -0.28 6.28
CA PRO A 20 15.81 0.56 5.08
C PRO A 20 16.47 -0.15 3.91
N ASP A 21 17.41 -1.06 4.15
CA ASP A 21 18.04 -1.77 3.06
C ASP A 21 17.08 -2.70 2.32
N ASP A 22 16.03 -3.19 2.97
CA ASP A 22 15.14 -4.16 2.33
C ASP A 22 13.67 -3.76 2.38
N PHE A 23 13.37 -2.48 2.53
CA PHE A 23 11.99 -2.03 2.43
C PHE A 23 11.39 -2.46 1.10
N GLY A 24 10.10 -2.74 1.13
CA GLY A 24 9.34 -3.14 -0.04
C GLY A 24 8.74 -4.52 0.12
N ASP A 25 7.87 -4.87 -0.83
CA ASP A 25 7.23 -6.17 -0.75
C ASP A 25 8.17 -7.26 -1.25
N ILE A 26 7.87 -8.49 -0.84
CA ILE A 26 8.73 -9.65 -1.03
C ILE A 26 7.84 -10.76 -1.61
N SER A 27 8.26 -11.33 -2.72
CA SER A 27 7.52 -12.47 -3.28
C SER A 27 7.64 -13.68 -2.36
N PRO A 28 6.55 -14.40 -2.07
CA PRO A 28 6.70 -15.66 -1.32
C PRO A 28 7.67 -16.63 -1.97
N ASP A 29 7.87 -16.56 -3.28
CA ASP A 29 8.81 -17.44 -3.95
C ASP A 29 10.24 -17.20 -3.53
N GLU A 30 10.54 -16.05 -2.94
CA GLU A 30 11.89 -15.72 -2.48
C GLU A 30 12.21 -16.32 -1.11
N LEU A 31 11.27 -16.98 -0.47
CA LEU A 31 11.46 -17.51 0.87
C LEU A 31 11.54 -19.03 0.84
N PRO A 32 12.23 -19.62 1.80
CA PRO A 32 12.37 -21.08 1.85
C PRO A 32 11.18 -21.76 2.51
N ILE A 33 10.04 -21.70 1.82
CA ILE A 33 8.79 -22.24 2.33
C ILE A 33 8.14 -23.14 1.29
N SER A 34 7.13 -23.89 1.74
CA SER A 34 6.45 -24.85 0.91
C SER A 34 5.60 -24.17 -0.17
N LEU A 35 5.40 -24.88 -1.28
CA LEU A 35 4.52 -24.39 -2.35
C LEU A 35 3.13 -24.13 -1.81
N GLY A 36 2.63 -25.02 -0.94
CA GLY A 36 1.31 -24.82 -0.37
C GLY A 36 1.15 -23.52 0.38
N LEU A 37 2.14 -23.19 1.22
CA LEU A 37 2.09 -21.92 1.93
C LEU A 37 2.23 -20.73 0.98
N LYS A 38 3.11 -20.83 -0.03
CA LYS A 38 3.20 -19.74 -0.99
C LYS A 38 1.85 -19.47 -1.64
N ASN A 39 1.15 -20.55 -2.01
CA ASN A 39 -0.15 -20.40 -2.66
C ASN A 39 -1.18 -19.82 -1.70
N SER A 40 -1.15 -20.25 -0.43
CA SER A 40 -2.07 -19.70 0.56
C SER A 40 -1.84 -18.22 0.79
N LEU A 41 -0.56 -17.79 0.84
CA LEU A 41 -0.27 -16.37 1.04
C LEU A 41 -0.79 -15.54 -0.12
N GLU A 42 -0.61 -16.03 -1.34
N GLU A 42 -0.67 -16.05 -1.34
CA GLU A 42 -1.15 -15.30 -2.49
CA GLU A 42 -1.14 -15.32 -2.51
C GLU A 42 -2.67 -15.26 -2.44
C GLU A 42 -2.67 -15.33 -2.60
N ALA A 43 -3.32 -16.38 -2.09
CA ALA A 43 -4.79 -16.39 -2.04
C ALA A 43 -5.30 -15.37 -1.03
N TRP A 44 -4.58 -15.21 0.07
CA TRP A 44 -4.98 -14.22 1.08
C TRP A 44 -4.80 -12.81 0.54
N ALA A 45 -3.67 -12.57 -0.13
CA ALA A 45 -3.48 -11.25 -0.73
C ALA A 45 -4.56 -10.96 -1.77
N LYS A 46 -5.00 -11.97 -2.50
CA LYS A 46 -6.03 -11.76 -3.51
C LYS A 46 -7.34 -11.34 -2.87
N ARG A 47 -7.65 -11.89 -1.70
CA ARG A 47 -8.87 -11.50 -1.01
C ARG A 47 -8.83 -10.04 -0.59
N TYR A 48 -7.67 -9.54 -0.20
CA TYR A 48 -7.58 -8.14 0.16
C TYR A 48 -7.71 -7.26 -1.08
N ASP A 49 -7.03 -7.63 -2.17
CA ASP A 49 -7.16 -6.85 -3.40
C ASP A 49 -8.62 -6.72 -3.81
N ALA A 50 -9.43 -7.74 -3.51
CA ALA A 50 -10.82 -7.74 -3.94
C ALA A 50 -11.68 -6.72 -3.21
N ILE A 51 -11.22 -6.17 -2.08
CA ILE A 51 -12.03 -5.19 -1.37
C ILE A 51 -11.84 -3.79 -1.94
N LEU A 52 -10.86 -3.60 -2.83
CA LEU A 52 -10.58 -2.28 -3.40
C LEU A 52 -11.66 -1.90 -4.40
N ASN A 53 -12.24 -0.72 -4.22
CA ASN A 53 -13.12 -0.11 -5.23
C ASN A 53 -12.25 0.81 -6.05
N THR A 54 -11.87 0.38 -7.27
CA THR A 54 -10.83 1.08 -8.01
C THR A 54 -11.32 2.41 -8.54
N ASP A 55 -12.61 2.53 -8.82
CA ASP A 55 -13.18 3.78 -9.30
C ASP A 55 -13.52 4.75 -8.19
N ASP A 56 -13.66 4.29 -6.95
CA ASP A 56 -14.03 5.14 -5.83
C ASP A 56 -13.45 4.52 -4.57
N PRO A 57 -12.13 4.63 -4.40
CA PRO A 57 -11.47 3.80 -3.37
C PRO A 57 -11.87 4.14 -1.96
N ALA A 58 -12.44 5.32 -1.70
CA ALA A 58 -12.93 5.63 -0.36
C ALA A 58 -14.02 4.67 0.09
N LEU A 59 -14.67 3.97 -0.84
CA LEU A 59 -15.71 3.02 -0.53
C LEU A 59 -15.20 1.59 -0.32
N SER A 60 -13.90 1.39 -0.34
CA SER A 60 -13.35 0.03 -0.23
C SER A 60 -13.71 -0.59 1.12
N GLY A 61 -13.94 -1.89 1.10
CA GLY A 61 -14.19 -2.61 2.33
C GLY A 61 -14.69 -4.01 2.05
N PHE A 62 -14.73 -4.80 3.11
CA PHE A 62 -15.27 -6.14 3.05
C PHE A 62 -16.79 -6.06 2.97
N LYS A 63 -17.41 -7.18 2.55
CA LYS A 63 -18.86 -7.20 2.36
C LYS A 63 -19.62 -7.18 3.67
N SER A 64 -18.97 -7.54 4.77
CA SER A 64 -19.60 -7.61 6.07
C SER A 64 -18.50 -7.62 7.11
N VAL A 65 -18.90 -7.32 8.35
CA VAL A 65 -17.98 -7.40 9.49
C VAL A 65 -17.44 -8.81 9.65
N GLU A 66 -18.29 -9.82 9.42
CA GLU A 66 -17.84 -11.20 9.55
C GLU A 66 -16.80 -11.56 8.50
N GLU A 67 -16.97 -11.08 7.25
N GLU A 67 -16.94 -11.04 7.27
CA GLU A 67 -15.95 -11.32 6.23
CA GLU A 67 -15.93 -11.35 6.25
C GLU A 67 -14.62 -10.69 6.63
C GLU A 67 -14.59 -10.69 6.56
N GLU A 68 -14.67 -9.47 7.18
N GLU A 68 -14.61 -9.51 7.18
CA GLU A 68 -13.45 -8.84 7.71
CA GLU A 68 -13.35 -8.92 7.64
C GLU A 68 -12.81 -9.72 8.77
C GLU A 68 -12.73 -9.76 8.75
N LYS A 69 -13.62 -10.23 9.71
N LYS A 69 -13.55 -10.20 9.72
CA LYS A 69 -13.09 -11.05 10.80
CA LYS A 69 -13.04 -11.06 10.79
C LYS A 69 -12.41 -12.31 10.25
C LYS A 69 -12.37 -12.31 10.22
N LEU A 70 -13.04 -12.97 9.28
CA LEU A 70 -12.47 -14.18 8.72
C LEU A 70 -11.13 -13.90 8.03
N PHE A 71 -11.03 -12.75 7.36
CA PHE A 71 -9.79 -12.40 6.70
C PHE A 71 -8.68 -12.22 7.73
N ILE A 72 -8.97 -11.51 8.81
CA ILE A 72 -7.96 -11.28 9.85
C ILE A 72 -7.63 -12.58 10.56
N ASP A 73 -8.64 -13.40 10.88
CA ASP A 73 -8.44 -14.71 11.47
C ASP A 73 -7.46 -15.53 10.62
N ASP A 74 -7.69 -15.55 9.30
CA ASP A 74 -6.88 -16.39 8.44
C ASP A 74 -5.46 -15.87 8.39
N GLY A 75 -5.28 -14.56 8.46
CA GLY A 75 -3.94 -14.00 8.46
C GLY A 75 -3.14 -14.41 9.69
N TYR A 76 -3.78 -14.44 10.85
CA TYR A 76 -3.10 -14.96 12.04
C TYR A 76 -2.58 -16.37 11.78
N LYS A 77 -3.43 -17.24 11.25
CA LYS A 77 -3.04 -18.62 11.04
C LYS A 77 -1.91 -18.73 10.02
N LEU A 78 -1.96 -17.91 8.95
CA LEU A 78 -0.87 -17.92 7.98
C LEU A 78 0.42 -17.40 8.59
N ALA A 79 0.34 -16.39 9.44
CA ALA A 79 1.56 -15.88 10.07
C ALA A 79 2.21 -16.94 10.95
N GLU A 80 1.40 -17.69 11.70
CA GLU A 80 1.94 -18.75 12.54
C GLU A 80 2.57 -19.87 11.69
N LEU A 81 1.91 -20.24 10.57
CA LEU A 81 2.50 -21.26 9.69
C LEU A 81 3.82 -20.76 9.08
N LEU A 82 3.85 -19.48 8.71
CA LEU A 82 5.05 -18.90 8.13
C LEU A 82 6.20 -18.92 9.13
N GLN A 83 5.95 -18.53 10.38
CA GLN A 83 6.99 -18.61 11.39
C GLN A 83 7.49 -20.04 11.59
N GLU A 84 6.58 -21.01 11.58
N GLU A 84 6.57 -21.01 11.55
CA GLU A 84 7.01 -22.39 11.75
CA GLU A 84 6.98 -22.40 11.74
C GLU A 84 7.87 -22.84 10.57
C GLU A 84 7.80 -22.92 10.56
N GLU A 85 7.44 -22.54 9.33
CA GLU A 85 8.21 -23.00 8.19
C GLU A 85 9.55 -22.30 8.10
N LEU A 86 9.64 -21.02 8.51
CA LEU A 86 10.90 -20.27 8.41
C LEU A 86 11.86 -20.53 9.57
N GLY A 87 11.36 -21.05 10.69
CA GLY A 87 12.21 -21.34 11.83
C GLY A 87 12.78 -20.07 12.43
N SER A 88 13.82 -20.26 13.23
CA SER A 88 14.36 -19.20 14.05
C SER A 88 15.29 -18.25 13.31
N ALA A 89 15.64 -18.57 12.06
CA ALA A 89 16.43 -17.67 11.22
C ALA A 89 15.65 -16.46 10.76
N TYR A 90 14.34 -16.44 10.96
CA TYR A 90 13.46 -15.34 10.58
C TYR A 90 12.56 -15.00 11.76
N LYS A 91 12.21 -13.72 11.85
N LYS A 91 12.18 -13.73 11.83
CA LYS A 91 11.24 -13.23 12.82
CA LYS A 91 11.24 -13.22 12.83
C LYS A 91 10.03 -12.74 12.04
C LYS A 91 10.02 -12.71 12.07
N VAL A 92 8.90 -13.40 12.23
CA VAL A 92 7.66 -13.03 11.56
C VAL A 92 6.88 -12.11 12.48
N ILE A 93 6.38 -11.01 11.93
N ILE A 93 6.40 -11.01 11.91
CA ILE A 93 5.45 -10.16 12.67
CA ILE A 93 5.48 -10.10 12.57
C ILE A 93 4.24 -9.92 11.78
C ILE A 93 4.22 -10.04 11.72
N TYR A 94 3.06 -10.18 12.35
CA TYR A 94 1.79 -10.05 11.65
C TYR A 94 1.16 -8.70 11.92
N HIS A 95 0.84 -7.99 10.86
CA HIS A 95 0.04 -6.78 10.94
C HIS A 95 -1.43 -7.19 10.91
N ALA A 96 -2.12 -7.05 12.03
CA ALA A 96 -3.46 -7.59 12.15
C ALA A 96 -4.56 -6.58 11.87
N ASP A 97 -4.25 -5.30 11.71
CA ASP A 97 -5.27 -4.26 11.64
C ASP A 97 -5.60 -3.95 10.18
N TYR A 98 -6.87 -4.06 9.83
CA TYR A 98 -7.36 -3.76 8.48
C TYR A 98 -8.63 -2.91 8.54
N THR B 22 -3.56 26.93 -8.34
CA THR B 22 -3.96 27.05 -6.95
C THR B 22 -4.78 25.84 -6.54
N THR B 23 -4.83 25.56 -5.24
CA THR B 23 -5.69 24.48 -4.76
C THR B 23 -7.15 24.79 -5.05
N LYS B 24 -7.54 26.06 -5.02
CA LYS B 24 -8.91 26.42 -5.34
C LYS B 24 -9.25 26.09 -6.79
N SER B 25 -8.30 26.28 -7.70
CA SER B 25 -8.55 25.90 -9.08
C SER B 25 -8.64 24.39 -9.23
N LEU B 26 -7.77 23.65 -8.54
CA LEU B 26 -7.84 22.20 -8.60
C LEU B 26 -9.17 21.69 -8.05
N PHE B 27 -9.65 22.30 -6.97
CA PHE B 27 -10.92 21.86 -6.39
C PHE B 27 -12.07 22.07 -7.38
N LYS B 28 -12.06 23.20 -8.10
N LYS B 28 -12.07 23.19 -8.11
N LYS B 28 -12.06 23.20 -8.11
CA LYS B 28 -13.09 23.43 -9.11
CA LYS B 28 -13.11 23.41 -9.11
CA LYS B 28 -13.09 23.44 -9.12
C LYS B 28 -13.00 22.37 -10.21
C LYS B 28 -13.01 22.40 -10.24
C LYS B 28 -13.01 22.40 -10.23
N GLU B 29 -11.79 22.02 -10.62
CA GLU B 29 -11.62 21.00 -11.65
C GLU B 29 -12.02 19.63 -11.15
N THR B 31 -14.24 19.09 -8.95
CA THR B 31 -15.69 19.14 -8.88
C THR B 31 -16.33 18.89 -10.24
N ILE B 32 -15.83 19.54 -11.30
CA ILE B 32 -16.48 19.38 -12.60
C ILE B 32 -16.23 18.00 -13.18
N GLN B 33 -15.21 17.30 -12.74
CA GLN B 33 -15.02 15.95 -13.25
C GLN B 33 -15.83 14.93 -12.48
N GLY B 34 -16.55 15.36 -11.46
CA GLY B 34 -17.50 14.51 -10.75
C GLY B 34 -16.99 13.94 -9.44
N ILE B 35 -15.82 14.33 -8.98
CA ILE B 35 -15.31 13.85 -7.69
C ILE B 35 -16.09 14.52 -6.58
N LYS B 36 -16.58 13.71 -5.63
CA LYS B 36 -17.32 14.21 -4.47
C LYS B 36 -16.38 14.18 -3.28
N PHE B 37 -16.06 15.36 -2.77
CA PHE B 37 -15.07 15.47 -1.72
C PHE B 37 -15.38 16.65 -0.81
N THR B 38 -14.81 16.59 0.40
CA THR B 38 -14.90 17.58 1.44
C THR B 38 -13.54 18.25 1.54
N PRO B 39 -13.42 19.55 1.27
CA PRO B 39 -12.09 20.18 1.30
C PRO B 39 -11.27 19.89 2.54
N GLU B 40 -11.87 19.90 3.74
CA GLU B 40 -11.09 19.68 4.95
C GLU B 40 -10.50 18.28 5.01
N ASN B 41 -11.04 17.31 4.25
CA ASN B 41 -10.46 15.97 4.23
C ASN B 41 -9.29 15.85 3.26
N VAL B 42 -9.07 16.82 2.39
CA VAL B 42 -8.03 16.73 1.38
C VAL B 42 -6.72 17.26 1.95
N VAL B 43 -5.67 16.44 1.89
CA VAL B 43 -4.35 16.82 2.39
C VAL B 43 -3.31 16.98 1.28
N GLY B 44 -3.66 16.67 0.04
CA GLY B 44 -2.76 16.95 -1.07
C GLY B 44 -3.53 16.86 -2.36
N ALA B 45 -3.13 17.66 -3.34
CA ALA B 45 -3.77 17.62 -4.65
C ALA B 45 -2.84 18.30 -5.63
N ALA B 46 -2.61 17.66 -6.78
CA ALA B 46 -1.72 18.17 -7.79
C ALA B 46 -1.91 17.35 -9.06
N LYS B 47 -1.40 17.88 -10.16
CA LYS B 47 -1.44 17.18 -11.43
C LYS B 47 -0.13 16.49 -11.74
N ASP B 48 -0.22 15.30 -12.34
CA ASP B 48 0.98 14.63 -12.82
C ASP B 48 1.34 15.18 -14.19
N ASN B 49 2.42 14.65 -14.77
CA ASN B 49 2.95 15.24 -16.01
C ASN B 49 2.04 15.00 -17.20
N SER B 50 1.07 14.09 -17.10
N SER B 50 1.09 14.08 -17.08
CA SER B 50 0.11 13.86 -18.17
CA SER B 50 0.11 13.82 -18.13
C SER B 50 -1.22 14.54 -17.91
C SER B 50 -1.17 14.63 -17.97
N GLY B 51 -1.28 15.41 -16.90
CA GLY B 51 -2.46 16.19 -16.64
C GLY B 51 -3.50 15.54 -15.77
N LYS B 52 -3.23 14.37 -15.20
CA LYS B 52 -4.19 13.72 -14.30
C LYS B 52 -4.10 14.35 -12.92
N ILE B 53 -5.25 14.76 -12.39
CA ILE B 53 -5.34 15.23 -11.02
C ILE B 53 -5.22 14.05 -10.07
N ILE B 54 -4.26 14.13 -9.16
CA ILE B 54 -4.02 13.16 -8.10
C ILE B 54 -4.28 13.84 -6.77
N PHE B 55 -4.99 13.17 -5.87
CA PHE B 55 -5.28 13.82 -4.59
C PHE B 55 -5.27 12.79 -3.49
N LEU B 56 -4.96 13.27 -2.30
CA LEU B 56 -4.78 12.43 -1.12
C LEU B 56 -5.70 12.94 -0.03
N GLU B 57 -6.48 12.05 0.56
CA GLU B 57 -7.39 12.41 1.64
C GLU B 57 -6.99 11.71 2.95
N LYS B 58 -7.53 12.24 4.05
CA LYS B 58 -7.21 11.69 5.36
C LYS B 58 -7.51 10.21 5.43
N GLY B 59 -8.64 9.79 4.87
CA GLY B 59 -8.91 8.37 4.74
C GLY B 59 -9.20 7.66 6.06
N ASN B 60 -8.97 6.35 6.03
CA ASN B 60 -9.19 5.47 7.19
C ASN B 60 -8.32 4.23 6.98
N SER B 61 -8.60 3.16 7.71
CA SER B 61 -7.72 2.01 7.62
C SER B 61 -7.79 1.35 6.26
N LYS B 62 -8.85 1.62 5.50
CA LYS B 62 -9.01 0.96 4.21
C LYS B 62 -8.32 1.70 3.07
N SER B 63 -8.11 3.01 3.16
CA SER B 63 -7.53 3.74 2.05
C SER B 63 -7.10 5.12 2.50
N GLY B 64 -6.26 5.75 1.69
CA GLY B 64 -5.86 7.13 1.93
C GLY B 64 -4.73 7.26 2.94
N LEU B 65 -4.56 8.49 3.46
CA LEU B 65 -3.41 8.76 4.32
C LEU B 65 -3.35 7.84 5.53
N GLN B 66 -4.46 7.66 6.24
CA GLN B 66 -4.43 6.83 7.43
C GLN B 66 -4.01 5.40 7.11
N HIS B 67 -4.39 4.90 5.93
CA HIS B 67 -3.97 3.57 5.51
C HIS B 67 -2.46 3.51 5.29
N ILE B 68 -1.90 4.52 4.64
CA ILE B 68 -0.46 4.60 4.45
C ILE B 68 0.26 4.62 5.79
N VAL B 69 -0.21 5.46 6.73
CA VAL B 69 0.47 5.62 8.01
C VAL B 69 0.35 4.35 8.87
N GLU B 70 -0.85 3.79 8.99
CA GLU B 70 -0.97 2.64 9.87
C GLU B 70 -0.23 1.41 9.31
N GLU B 71 -0.14 1.30 7.97
CA GLU B 71 0.54 0.15 7.37
C GLU B 71 2.05 0.36 7.31
N HIS B 72 2.49 1.54 6.85
CA HIS B 72 3.90 1.73 6.48
C HIS B 72 4.55 2.92 7.15
N GLY B 73 3.89 3.54 8.13
CA GLY B 73 4.45 4.73 8.76
C GLY B 73 5.84 4.53 9.34
N ASP B 74 6.15 3.32 9.81
CA ASP B 74 7.45 3.06 10.40
C ASP B 74 8.56 3.18 9.35
N GLN B 75 8.24 2.95 8.08
CA GLN B 75 9.27 3.11 7.06
C GLN B 75 9.74 4.55 7.02
N PHE B 76 8.78 5.48 7.01
CA PHE B 76 9.13 6.90 6.96
C PHE B 76 9.89 7.31 8.19
N ALA B 77 9.46 6.82 9.36
CA ALA B 77 10.18 7.14 10.59
C ALA B 77 11.66 6.75 10.50
N GLN B 78 11.93 5.56 9.95
CA GLN B 78 13.28 5.07 9.88
C GLN B 78 14.18 5.84 8.91
N ILE B 79 13.63 6.51 7.90
CA ILE B 79 14.46 7.31 7.00
C ILE B 79 14.41 8.78 7.37
N GLY B 80 13.84 9.12 8.52
CA GLY B 80 13.86 10.49 9.00
C GLY B 80 12.80 11.39 8.43
N VAL B 81 11.71 10.84 7.90
CA VAL B 81 10.60 11.61 7.36
C VAL B 81 9.47 11.56 8.39
N SER B 82 9.17 12.71 8.98
CA SER B 82 8.12 12.80 9.98
C SER B 82 6.74 12.46 9.40
N GLU B 83 5.83 12.09 10.28
CA GLU B 83 4.49 11.73 9.83
C GLU B 83 3.83 12.90 9.09
N ALA B 84 4.05 14.13 9.56
CA ALA B 84 3.44 15.28 8.93
C ALA B 84 3.92 15.50 7.50
N ARG B 85 5.09 14.99 7.16
CA ARG B 85 5.61 15.15 5.81
C ARG B 85 5.16 14.06 4.84
N ILE B 86 4.51 13.01 5.32
CA ILE B 86 4.14 11.90 4.44
C ILE B 86 3.28 12.39 3.28
N PRO B 87 2.27 13.23 3.48
CA PRO B 87 1.46 13.66 2.31
C PRO B 87 2.27 14.31 1.21
N ASP B 88 3.13 15.26 1.54
CA ASP B 88 3.92 15.95 0.53
C ASP B 88 4.86 14.98 -0.19
N VAL B 89 5.49 14.08 0.56
CA VAL B 89 6.45 13.13 -0.03
C VAL B 89 5.74 12.16 -0.98
N VAL B 90 4.61 11.59 -0.56
CA VAL B 90 3.88 10.68 -1.42
C VAL B 90 3.35 11.41 -2.65
N LYS B 92 4.56 14.10 -4.14
CA LYS B 92 5.62 14.42 -5.08
C LYS B 92 6.03 13.21 -5.88
N ALA B 93 6.12 12.05 -5.23
CA ALA B 93 6.47 10.81 -5.93
C ALA B 93 5.53 10.52 -7.06
N VAL B 94 4.22 10.54 -6.80
CA VAL B 94 3.27 10.05 -7.80
C VAL B 94 3.03 11.10 -8.87
N THR B 95 3.20 12.40 -8.58
CA THR B 95 2.96 13.41 -9.62
C THR B 95 4.22 13.83 -10.35
N ASP B 96 5.41 13.71 -9.74
CA ASP B 96 6.64 14.17 -10.35
C ASP B 96 7.63 13.05 -10.58
N GLY B 97 7.43 11.90 -9.98
CA GLY B 97 8.37 10.80 -10.07
C GLY B 97 8.26 10.03 -11.36
N LYS B 98 9.28 9.21 -11.61
CA LYS B 98 9.38 8.40 -12.81
C LYS B 98 9.13 6.95 -12.42
N ILE B 99 8.25 6.26 -13.16
CA ILE B 99 8.00 4.86 -12.86
C ILE B 99 9.23 4.06 -13.24
N VAL B 100 9.71 3.23 -12.31
CA VAL B 100 10.90 2.43 -12.55
C VAL B 100 10.64 0.95 -12.35
N GLY B 101 9.42 0.57 -12.00
CA GLY B 101 9.09 -0.84 -11.84
C GLY B 101 7.71 -0.96 -11.22
N TYR B 102 7.34 -2.19 -10.88
CA TYR B 102 6.02 -2.52 -10.34
C TYR B 102 6.16 -3.56 -9.26
N GLN B 103 5.37 -3.40 -8.20
N GLN B 103 5.35 -3.43 -8.22
CA GLN B 103 5.33 -4.37 -7.11
CA GLN B 103 5.33 -4.39 -7.12
C GLN B 103 4.35 -5.48 -7.46
C GLN B 103 4.38 -5.54 -7.41
N GLY B 104 4.13 -6.40 -6.52
N GLY B 104 4.27 -6.47 -6.46
CA GLY B 104 3.40 -7.59 -6.88
CA GLY B 104 3.34 -7.57 -6.52
C GLY B 104 4.19 -8.42 -7.87
C GLY B 104 3.50 -8.45 -7.76
N ALA B 105 3.49 -9.15 -8.72
N ALA B 105 2.44 -9.18 -8.05
CA ALA B 105 4.16 -10.07 -9.64
CA ALA B 105 2.44 -10.09 -9.20
C ALA B 105 4.86 -9.35 -10.81
C ALA B 105 2.22 -9.30 -10.48
N GLY B 106 4.98 -8.01 -10.75
N GLY B 106 3.14 -9.44 -11.44
CA GLY B 106 5.55 -7.25 -11.83
CA GLY B 106 3.01 -8.71 -12.68
C GLY B 106 4.54 -6.40 -12.57
C GLY B 106 2.99 -7.21 -12.44
N ALA B 107 3.27 -6.45 -12.16
N ALA B 107 2.05 -6.54 -13.12
CA ALA B 107 2.21 -5.65 -12.75
CA ALA B 107 1.96 -5.08 -13.03
C ALA B 107 1.32 -5.02 -11.68
C ALA B 107 1.14 -4.73 -11.80
N GLY B 108 1.84 -4.92 -10.45
N GLY B 108 1.77 -4.80 -10.65
CA GLY B 108 1.08 -4.34 -9.37
CA GLY B 108 1.21 -4.34 -9.40
C GLY B 108 1.39 -2.87 -9.17
C GLY B 108 1.44 -2.86 -9.19
N ARG B 109 1.57 -2.48 -7.92
CA ARG B 109 1.69 -1.07 -7.59
C ARG B 109 2.92 -0.45 -8.26
N PRO B 110 2.76 0.64 -8.99
CA PRO B 110 3.92 1.29 -9.61
C PRO B 110 4.89 1.86 -8.60
N ILE B 111 6.18 1.75 -8.92
CA ILE B 111 7.29 2.27 -8.12
C ILE B 111 7.78 3.54 -8.77
N TYR B 112 7.77 4.66 -8.02
CA TYR B 112 8.20 5.96 -8.52
C TYR B 112 9.55 6.34 -7.93
N GLU B 113 10.50 6.68 -8.79
CA GLU B 113 11.77 7.24 -8.36
C GLU B 113 11.55 8.72 -8.05
N THR B 114 11.98 9.16 -6.87
CA THR B 114 11.68 10.49 -6.39
C THR B 114 12.85 11.02 -5.58
N ILE B 116 13.98 13.15 -2.06
CA ILE B 116 13.61 13.67 -0.75
C ILE B 116 14.86 14.31 -0.15
N ASP B 117 14.82 15.62 0.06
CA ASP B 117 15.93 16.32 0.67
C ASP B 117 17.24 16.02 -0.05
N GLY B 118 17.21 16.14 -1.38
CA GLY B 118 18.40 15.93 -2.19
C GLY B 118 18.86 14.49 -2.35
N LYS B 119 18.07 13.53 -1.89
CA LYS B 119 18.46 12.12 -1.94
C LYS B 119 17.39 11.34 -2.67
N LYS B 120 17.83 10.31 -3.41
CA LYS B 120 16.94 9.53 -4.26
C LYS B 120 16.27 8.43 -3.45
N TYR B 121 14.95 8.34 -3.60
CA TYR B 121 14.20 7.23 -3.01
C TYR B 121 13.25 6.66 -4.04
N ASN B 122 12.81 5.43 -3.80
CA ASN B 122 11.71 4.83 -4.54
C ASN B 122 10.50 4.70 -3.65
N ILE B 123 9.35 5.19 -4.12
CA ILE B 123 8.10 5.17 -3.40
C ILE B 123 7.05 4.59 -4.33
N ALA B 124 6.44 3.48 -3.92
CA ALA B 124 5.36 2.85 -4.70
C ALA B 124 4.03 3.43 -4.25
N VAL B 125 3.14 3.71 -5.21
CA VAL B 125 1.88 4.39 -4.93
C VAL B 125 0.77 3.79 -5.79
N THR B 126 -0.31 3.34 -5.14
CA THR B 126 -1.54 2.94 -5.80
C THR B 126 -2.53 4.10 -5.82
N VAL B 127 -3.10 4.37 -6.99
CA VAL B 127 -4.05 5.47 -7.21
C VAL B 127 -5.28 4.89 -7.89
N GLY B 128 -6.46 5.35 -7.47
CA GLY B 128 -7.69 4.99 -8.13
C GLY B 128 -7.83 5.66 -9.49
N SER B 129 -8.81 5.17 -10.25
CA SER B 129 -9.03 5.76 -11.57
C SER B 129 -9.48 7.21 -11.46
N ASN B 130 -10.00 7.63 -10.31
CA ASN B 130 -10.43 9.01 -10.09
C ASN B 130 -9.33 9.90 -9.55
N GLY B 131 -8.12 9.37 -9.37
CA GLY B 131 -6.99 10.13 -8.85
C GLY B 131 -6.76 10.01 -7.37
N TYR B 132 -7.63 9.31 -6.64
CA TYR B 132 -7.52 9.17 -5.20
C TYR B 132 -6.36 8.27 -4.83
N VAL B 133 -5.46 8.77 -3.99
CA VAL B 133 -4.32 7.97 -3.56
C VAL B 133 -4.75 6.95 -2.52
N VAL B 134 -4.54 5.68 -2.82
CA VAL B 134 -5.06 4.57 -2.02
C VAL B 134 -4.06 4.13 -0.97
N GLY B 135 -2.83 3.87 -1.39
CA GLY B 135 -1.80 3.36 -0.49
C GLY B 135 -0.44 3.62 -1.10
N ALA B 136 0.59 3.49 -0.27
CA ALA B 136 1.93 3.86 -0.69
C ALA B 136 2.93 3.20 0.26
N ASN B 137 4.14 2.99 -0.25
CA ASN B 137 5.19 2.44 0.59
C ASN B 137 6.55 2.84 0.03
N LEU B 138 7.55 2.88 0.92
CA LEU B 138 8.94 3.03 0.49
C LEU B 138 9.51 1.70 0.02
N ARG B 139 10.55 1.78 -0.78
CA ARG B 139 11.34 0.63 -1.15
C ARG B 139 12.80 0.89 -0.80
N GLY B 140 13.59 -0.17 -0.81
CA GLY B 140 15.02 -0.03 -0.64
C GLY B 140 15.68 0.25 -1.98
#